data_1DP2
#
_entry.id   1DP2
#
_cell.length_a   154.36
_cell.length_b   49.31
_cell.length_c   41.68
_cell.angle_alpha   90
_cell.angle_beta   99.6
_cell.angle_gamma   90
#
_symmetry.space_group_name_H-M   'C 1 2 1'
#
loop_
_entity.id
_entity.type
_entity.pdbx_description
1 polymer RHODANESE
2 non-polymer '5-[(3S)-1,2-dithiolan-3-yl]pentanoic acid'
3 water water
#
_entity_poly.entity_id   1
_entity_poly.type   'polypeptide(L)'
_entity_poly.pdbx_seq_one_letter_code
;VHQVLYRALVSTKWLAESVRAGKVGPGLRVLDASWYSPGTREARKEYLERHVPGASFFDIEECRDKASPYEVMLPSEAGF
ADYVGSLGISNDTHVVVYDGDDLGSFYAPRVWWMFRVFGHRTVSVLNGGFRNWLKEGHPVTSEPSRPEPAIFKATLNRSL
LKTYEQVLENLESKRFQLVDSRAQGRYLGTQPEPDAVGLDSGHIRGSVNMPFMNFLTEDGFEKSPEELRAMFEAKKVDLT
KPLIAT(CSS)RKGVTACHIALAAYLCGKPDVAIYDGSWFEWFHRAPPETWVSQGKG
;
_entity_poly.pdbx_strand_id   A
#
loop_
_chem_comp.id
_chem_comp.type
_chem_comp.name
_chem_comp.formula
LPB non-polymer '5-[(3S)-1,2-dithiolan-3-yl]pentanoic acid' 'C8 H14 O2 S2'
#
# COMPACT_ATOMS: atom_id res chain seq x y z
N VAL A 1 -3.92 13.10 -0.46
CA VAL A 1 -3.42 14.12 0.44
C VAL A 1 -3.98 15.41 -0.17
N HIS A 2 -4.23 16.42 0.66
CA HIS A 2 -4.78 17.78 0.39
C HIS A 2 -5.65 18.09 1.62
N GLN A 3 -6.40 19.22 1.69
CA GLN A 3 -7.33 19.42 2.79
C GLN A 3 -8.62 18.67 2.48
N VAL A 4 -9.21 18.94 1.31
CA VAL A 4 -10.35 18.16 0.86
C VAL A 4 -9.70 16.91 0.29
N LEU A 5 -10.09 15.81 0.86
CA LEU A 5 -9.52 14.54 0.51
C LEU A 5 -10.22 13.98 -0.71
N TYR A 6 -9.40 13.36 -1.56
CA TYR A 6 -9.88 12.74 -2.79
C TYR A 6 -10.50 11.41 -2.42
N ARG A 7 -11.44 10.91 -3.23
CA ARG A 7 -12.05 9.63 -2.92
C ARG A 7 -10.99 8.56 -3.06
N ALA A 8 -10.55 8.11 -1.90
CA ALA A 8 -9.60 7.04 -1.83
C ALA A 8 -10.18 5.69 -2.21
N LEU A 9 -11.49 5.51 -2.19
CA LEU A 9 -12.15 4.25 -2.45
C LEU A 9 -13.15 4.46 -3.58
N VAL A 10 -13.15 3.59 -4.58
CA VAL A 10 -14.04 3.63 -5.73
C VAL A 10 -14.80 2.29 -5.65
N SER A 11 -16.09 2.18 -5.99
CA SER A 11 -16.76 0.91 -5.88
C SER A 11 -16.62 0.20 -7.21
N THR A 12 -16.87 -1.09 -7.15
CA THR A 12 -16.86 -1.88 -8.37
C THR A 12 -17.91 -1.34 -9.33
N LYS A 13 -19.09 -0.98 -8.80
CA LYS A 13 -20.20 -0.48 -9.62
C LYS A 13 -19.80 0.75 -10.42
N TRP A 14 -19.10 1.65 -9.72
CA TRP A 14 -18.59 2.84 -10.33
C TRP A 14 -17.64 2.48 -11.47
N LEU A 15 -16.68 1.60 -11.19
CA LEU A 15 -15.70 1.27 -12.21
C LEU A 15 -16.36 0.59 -13.41
N ALA A 16 -17.32 -0.31 -13.16
CA ALA A 16 -18.02 -1.01 -14.22
C ALA A 16 -18.72 -0.03 -15.14
N GLU A 17 -19.43 0.94 -14.57
CA GLU A 17 -20.10 1.94 -15.38
C GLU A 17 -19.09 2.76 -16.17
N SER A 18 -17.98 3.18 -15.57
CA SER A 18 -16.98 3.98 -16.28
C SER A 18 -16.37 3.21 -17.45
N VAL A 19 -16.19 1.90 -17.29
CA VAL A 19 -15.66 1.07 -18.35
C VAL A 19 -16.71 0.95 -19.46
N ARG A 20 -17.99 0.68 -19.17
CA ARG A 20 -18.99 0.63 -20.23
C ARG A 20 -19.16 1.98 -20.92
N ALA A 21 -18.95 3.08 -20.21
CA ALA A 21 -19.04 4.39 -20.80
C ALA A 21 -17.81 4.72 -21.65
N GLY A 22 -16.85 3.80 -21.76
CA GLY A 22 -15.66 4.00 -22.54
C GLY A 22 -14.77 5.07 -21.94
N LYS A 23 -14.79 5.23 -20.62
CA LYS A 23 -14.00 6.27 -20.01
C LYS A 23 -12.53 5.98 -19.75
N VAL A 24 -12.09 4.71 -19.72
CA VAL A 24 -10.68 4.49 -19.45
C VAL A 24 -9.96 4.91 -20.70
N GLY A 25 -8.91 5.66 -20.47
CA GLY A 25 -8.09 6.25 -21.49
C GLY A 25 -7.24 7.25 -20.74
N PRO A 26 -6.75 8.36 -21.33
CA PRO A 26 -5.77 9.23 -20.71
C PRO A 26 -6.25 9.80 -19.37
N GLY A 27 -7.58 9.90 -19.18
CA GLY A 27 -8.17 10.44 -17.97
C GLY A 27 -8.42 9.39 -16.88
N LEU A 28 -8.51 8.10 -17.21
CA LEU A 28 -8.82 7.09 -16.22
C LEU A 28 -8.02 5.87 -16.60
N ARG A 29 -7.04 5.51 -15.79
CA ARG A 29 -6.22 4.35 -16.07
C ARG A 29 -6.40 3.45 -14.88
N VAL A 30 -6.44 2.15 -15.13
CA VAL A 30 -6.68 1.19 -14.07
C VAL A 30 -5.45 0.32 -14.00
N LEU A 31 -5.07 -0.03 -12.79
CA LEU A 31 -3.87 -0.80 -12.57
C LEU A 31 -4.16 -1.96 -11.68
N ASP A 32 -3.60 -3.09 -12.09
CA ASP A 32 -3.62 -4.27 -11.27
C ASP A 32 -2.24 -4.21 -10.64
N ALA A 33 -2.19 -4.08 -9.32
CA ALA A 33 -0.94 -4.03 -8.58
C ALA A 33 -0.62 -5.33 -7.85
N SER A 34 -1.25 -6.44 -8.23
CA SER A 34 -1.01 -7.70 -7.54
C SER A 34 0.44 -8.16 -7.50
N TRP A 35 0.83 -8.65 -6.34
CA TRP A 35 2.13 -9.26 -6.11
C TRP A 35 1.83 -10.30 -5.04
N TYR A 36 2.42 -11.49 -5.12
CA TYR A 36 2.21 -12.52 -4.11
C TYR A 36 3.56 -13.19 -3.95
N SER A 37 3.81 -13.79 -2.78
CA SER A 37 5.04 -14.50 -2.50
C SER A 37 5.36 -15.48 -3.61
N PRO A 38 6.64 -15.62 -3.95
CA PRO A 38 7.11 -16.53 -4.98
C PRO A 38 6.58 -17.91 -4.62
N GLY A 39 5.93 -18.52 -5.57
CA GLY A 39 5.49 -19.88 -5.42
C GLY A 39 4.07 -20.03 -4.97
N THR A 40 3.34 -18.95 -4.70
CA THR A 40 1.95 -19.10 -4.32
C THR A 40 1.06 -18.78 -5.52
N ARG A 41 0.87 -17.51 -5.88
CA ARG A 41 0.05 -17.11 -7.02
C ARG A 41 0.96 -16.35 -7.97
N GLU A 42 0.56 -16.23 -9.23
CA GLU A 42 1.35 -15.63 -10.28
C GLU A 42 0.63 -14.39 -10.74
N ALA A 43 0.98 -13.27 -10.12
CA ALA A 43 0.34 -12.00 -10.38
C ALA A 43 0.30 -11.61 -11.85
N ARG A 44 1.41 -11.60 -12.60
CA ARG A 44 1.35 -11.17 -14.00
C ARG A 44 0.55 -12.14 -14.86
N LYS A 45 0.66 -13.45 -14.65
CA LYS A 45 -0.10 -14.38 -15.49
C LYS A 45 -1.59 -14.22 -15.25
N GLU A 46 -1.99 -14.02 -13.99
CA GLU A 46 -3.39 -13.82 -13.67
C GLU A 46 -3.95 -12.59 -14.37
N TYR A 47 -3.12 -11.54 -14.35
CA TYR A 47 -3.45 -10.31 -15.02
C TYR A 47 -3.69 -10.56 -16.50
N LEU A 48 -2.73 -11.26 -17.14
CA LEU A 48 -2.80 -11.54 -18.57
C LEU A 48 -4.05 -12.34 -18.92
N GLU A 49 -4.52 -13.15 -17.98
CA GLU A 49 -5.73 -13.95 -18.18
C GLU A 49 -7.00 -13.17 -18.01
N ARG A 50 -7.08 -12.35 -16.97
CA ARG A 50 -8.28 -11.62 -16.67
C ARG A 50 -7.82 -10.32 -16.06
N HIS A 51 -8.30 -9.23 -16.62
CA HIS A 51 -8.06 -7.94 -16.03
C HIS A 51 -9.27 -7.10 -16.37
N VAL A 52 -9.56 -6.00 -15.65
CA VAL A 52 -10.68 -5.18 -16.11
C VAL A 52 -10.24 -4.63 -17.47
N PRO A 53 -11.17 -4.42 -18.41
CA PRO A 53 -10.85 -4.00 -19.75
C PRO A 53 -10.09 -2.67 -19.75
N GLY A 54 -8.93 -2.62 -20.42
CA GLY A 54 -8.11 -1.41 -20.46
C GLY A 54 -7.10 -1.29 -19.30
N ALA A 55 -7.16 -2.17 -18.27
CA ALA A 55 -6.21 -2.11 -17.16
C ALA A 55 -4.81 -2.50 -17.57
N SER A 56 -3.77 -1.92 -16.96
CA SER A 56 -2.39 -2.31 -17.20
C SER A 56 -1.90 -2.97 -15.92
N PHE A 57 -0.80 -3.70 -16.02
CA PHE A 57 -0.21 -4.35 -14.86
C PHE A 57 0.85 -3.43 -14.28
N PHE A 58 0.76 -3.11 -13.00
CA PHE A 58 1.73 -2.27 -12.35
C PHE A 58 2.70 -3.28 -11.75
N ASP A 59 3.96 -3.28 -12.16
CA ASP A 59 4.88 -4.26 -11.65
C ASP A 59 5.69 -3.70 -10.48
N ILE A 60 5.39 -4.09 -9.25
CA ILE A 60 6.14 -3.53 -8.10
C ILE A 60 7.59 -4.02 -8.05
N GLU A 61 7.85 -5.12 -8.75
CA GLU A 61 9.20 -5.62 -8.86
C GLU A 61 10.05 -4.66 -9.69
N GLU A 62 9.44 -4.09 -10.74
CA GLU A 62 10.13 -3.16 -11.61
C GLU A 62 10.29 -1.78 -11.00
N CYS A 63 9.15 -1.26 -10.54
CA CYS A 63 9.05 0.07 -9.98
C CYS A 63 9.51 0.14 -8.54
N ARG A 64 10.83 0.01 -8.34
CA ARG A 64 11.38 0.08 -7.01
C ARG A 64 12.84 0.42 -7.12
N ASP A 65 13.51 0.72 -6.01
CA ASP A 65 14.93 0.97 -6.09
C ASP A 65 15.58 -0.40 -6.07
N LYS A 66 15.91 -0.86 -7.27
CA LYS A 66 16.53 -2.15 -7.43
C LYS A 66 17.91 -2.22 -6.82
N ALA A 67 18.59 -1.08 -6.65
CA ALA A 67 19.91 -1.02 -6.04
C ALA A 67 19.91 -1.14 -4.52
N SER A 68 18.77 -1.00 -3.86
CA SER A 68 18.72 -1.11 -2.40
C SER A 68 18.91 -2.55 -1.96
N PRO A 69 19.54 -2.76 -0.79
CA PRO A 69 19.58 -4.04 -0.10
C PRO A 69 18.22 -4.45 0.46
N TYR A 70 17.29 -3.50 0.64
CA TYR A 70 16.07 -3.76 1.36
C TYR A 70 14.92 -3.90 0.41
N GLU A 71 13.83 -4.37 0.96
CA GLU A 71 12.70 -4.78 0.16
C GLU A 71 11.80 -3.62 -0.19
N VAL A 72 11.23 -3.76 -1.40
CA VAL A 72 10.33 -2.83 -2.06
C VAL A 72 10.38 -1.40 -1.51
N MET A 73 11.52 -0.85 -1.94
CA MET A 73 11.86 0.52 -1.60
C MET A 73 11.44 1.39 -2.77
N LEU A 74 11.07 2.63 -2.54
CA LEU A 74 10.64 3.53 -3.61
C LEU A 74 11.69 3.67 -4.70
N PRO A 75 11.30 3.75 -5.98
CA PRO A 75 12.21 4.17 -7.03
C PRO A 75 12.55 5.64 -6.85
N SER A 76 13.39 6.18 -7.71
CA SER A 76 13.61 7.61 -7.64
C SER A 76 12.41 8.24 -8.36
N GLU A 77 12.33 9.56 -8.30
CA GLU A 77 11.32 10.31 -9.04
C GLU A 77 11.34 9.98 -10.52
N ALA A 78 12.53 10.03 -11.15
CA ALA A 78 12.64 9.75 -12.59
C ALA A 78 12.16 8.36 -12.93
N GLY A 79 12.53 7.41 -12.07
CA GLY A 79 12.14 6.02 -12.27
C GLY A 79 10.64 5.84 -12.25
N PHE A 80 10.00 6.40 -11.23
CA PHE A 80 8.56 6.34 -11.12
C PHE A 80 7.90 7.00 -12.33
N ALA A 81 8.40 8.18 -12.65
CA ALA A 81 7.84 8.97 -13.74
C ALA A 81 7.86 8.25 -15.07
N ASP A 82 8.98 7.61 -15.39
CA ASP A 82 9.08 6.98 -16.68
C ASP A 82 8.22 5.75 -16.75
N TYR A 83 8.16 5.02 -15.63
CA TYR A 83 7.40 3.80 -15.60
C TYR A 83 5.89 4.07 -15.76
N VAL A 84 5.42 4.99 -14.94
CA VAL A 84 4.00 5.34 -14.89
C VAL A 84 3.61 6.04 -16.18
N GLY A 85 4.49 6.88 -16.72
CA GLY A 85 4.27 7.50 -18.01
C GLY A 85 4.12 6.45 -19.13
N SER A 86 4.90 5.35 -19.14
CA SER A 86 4.76 4.34 -20.18
C SER A 86 3.45 3.56 -20.06
N LEU A 87 2.82 3.63 -18.90
CA LEU A 87 1.51 3.06 -18.66
C LEU A 87 0.41 4.03 -19.10
N GLY A 88 0.76 5.17 -19.73
CA GLY A 88 -0.24 6.12 -20.22
C GLY A 88 -0.86 6.98 -19.13
N ILE A 89 -0.16 7.14 -18.00
CA ILE A 89 -0.67 7.91 -16.89
C ILE A 89 0.05 9.25 -16.92
N SER A 90 -0.75 10.30 -16.95
CA SER A 90 -0.19 11.63 -16.84
C SER A 90 -0.62 12.19 -15.48
N ASN A 91 -0.17 13.41 -15.18
CA ASN A 91 -0.57 14.11 -13.98
C ASN A 91 -2.05 14.38 -13.89
N ASP A 92 -2.77 14.25 -15.01
CA ASP A 92 -4.20 14.43 -15.07
C ASP A 92 -5.01 13.16 -14.97
N THR A 93 -4.33 12.03 -14.87
CA THR A 93 -5.06 10.79 -14.86
C THR A 93 -5.60 10.42 -13.48
N HIS A 94 -6.88 10.05 -13.42
CA HIS A 94 -7.42 9.45 -12.20
C HIS A 94 -6.90 8.02 -12.30
N VAL A 95 -6.10 7.54 -11.35
CA VAL A 95 -5.58 6.19 -11.39
C VAL A 95 -6.40 5.36 -10.42
N VAL A 96 -6.92 4.22 -10.87
CA VAL A 96 -7.68 3.32 -10.02
C VAL A 96 -6.82 2.07 -9.91
N VAL A 97 -6.54 1.62 -8.70
CA VAL A 97 -5.69 0.45 -8.50
C VAL A 97 -6.39 -0.61 -7.67
N TYR A 98 -6.19 -1.84 -8.13
CA TYR A 98 -6.75 -2.98 -7.46
C TYR A 98 -5.69 -4.07 -7.39
N ASP A 99 -5.93 -5.11 -6.63
CA ASP A 99 -5.09 -6.30 -6.71
C ASP A 99 -6.09 -7.45 -6.57
N GLY A 100 -5.61 -8.68 -6.74
CA GLY A 100 -6.50 -9.82 -6.69
C GLY A 100 -6.36 -10.58 -5.40
N ASP A 101 -5.84 -10.01 -4.31
CA ASP A 101 -5.68 -10.74 -3.08
C ASP A 101 -6.99 -11.34 -2.54
N ASP A 102 -6.92 -12.52 -1.91
CA ASP A 102 -8.11 -13.15 -1.36
C ASP A 102 -8.79 -12.35 -0.27
N LEU A 103 -8.01 -11.56 0.45
CA LEU A 103 -8.55 -10.70 1.49
C LEU A 103 -9.26 -9.48 0.89
N GLY A 104 -9.15 -9.23 -0.40
CA GLY A 104 -9.79 -8.10 -1.04
C GLY A 104 -8.80 -6.98 -1.31
N SER A 105 -7.74 -6.88 -0.52
CA SER A 105 -6.75 -5.85 -0.70
C SER A 105 -5.47 -6.14 0.04
N PHE A 106 -4.36 -6.03 -0.67
CA PHE A 106 -3.06 -6.22 -0.09
C PHE A 106 -2.08 -5.19 -0.67
N TYR A 107 -1.69 -5.26 -1.96
CA TYR A 107 -0.70 -4.34 -2.51
C TYR A 107 -1.29 -3.06 -3.04
N ALA A 108 -2.57 -3.07 -3.39
CA ALA A 108 -3.21 -1.88 -3.93
C ALA A 108 -2.98 -0.68 -2.98
N PRO A 109 -3.09 -0.68 -1.63
CA PRO A 109 -2.80 0.49 -0.80
C PRO A 109 -1.36 0.94 -0.95
N ARG A 110 -0.40 0.05 -1.19
CA ARG A 110 0.98 0.47 -1.37
C ARG A 110 1.08 1.33 -2.64
N VAL A 111 0.46 0.94 -3.75
CA VAL A 111 0.57 1.73 -4.96
C VAL A 111 -0.20 3.04 -4.83
N TRP A 112 -1.32 3.03 -4.10
CA TRP A 112 -2.09 4.22 -3.78
C TRP A 112 -1.12 5.17 -3.10
N TRP A 113 -0.43 4.71 -2.04
CA TRP A 113 0.49 5.59 -1.35
C TRP A 113 1.63 5.96 -2.28
N MET A 114 2.15 5.11 -3.16
CA MET A 114 3.24 5.50 -4.03
C MET A 114 2.90 6.68 -4.92
N PHE A 115 1.71 6.66 -5.52
CA PHE A 115 1.29 7.81 -6.32
C PHE A 115 1.23 9.05 -5.45
N ARG A 116 0.66 8.92 -4.25
CA ARG A 116 0.59 10.04 -3.32
C ARG A 116 1.94 10.50 -2.85
N VAL A 117 2.92 9.65 -2.57
CA VAL A 117 4.21 10.11 -2.10
C VAL A 117 4.97 10.69 -3.30
N PHE A 118 4.57 10.43 -4.55
CA PHE A 118 5.22 11.10 -5.67
C PHE A 118 4.42 12.29 -6.17
N GLY A 119 3.46 12.75 -5.36
CA GLY A 119 2.72 13.97 -5.59
C GLY A 119 1.43 13.85 -6.38
N HIS A 120 0.89 12.68 -6.65
CA HIS A 120 -0.31 12.57 -7.47
C HIS A 120 -1.45 12.23 -6.54
N ARG A 121 -2.44 13.11 -6.40
CA ARG A 121 -3.53 12.81 -5.49
C ARG A 121 -4.72 12.08 -6.08
N THR A 122 -4.97 12.09 -7.40
CA THR A 122 -6.14 11.44 -7.98
C THR A 122 -5.87 9.98 -8.25
N VAL A 123 -5.90 9.23 -7.15
CA VAL A 123 -5.66 7.80 -7.15
C VAL A 123 -6.60 7.19 -6.14
N SER A 124 -7.22 6.10 -6.55
CA SER A 124 -8.17 5.42 -5.70
C SER A 124 -7.87 3.93 -5.72
N VAL A 125 -8.36 3.24 -4.71
CA VAL A 125 -8.30 1.79 -4.59
C VAL A 125 -9.70 1.27 -4.91
N LEU A 126 -9.79 0.20 -5.67
CA LEU A 126 -11.08 -0.44 -5.96
C LEU A 126 -11.55 -1.13 -4.68
N ASN A 127 -12.57 -0.64 -4.00
CA ASN A 127 -13.05 -1.27 -2.78
C ASN A 127 -13.64 -2.65 -3.02
N GLY A 128 -13.02 -3.67 -2.45
CA GLY A 128 -13.46 -5.05 -2.62
C GLY A 128 -12.49 -5.79 -3.52
N GLY A 129 -11.64 -5.05 -4.24
CA GLY A 129 -10.60 -5.62 -5.07
C GLY A 129 -11.12 -6.39 -6.26
N PHE A 130 -10.21 -7.05 -6.97
CA PHE A 130 -10.62 -7.81 -8.13
C PHE A 130 -11.51 -8.94 -7.62
N ARG A 131 -11.27 -9.50 -6.43
CA ARG A 131 -12.16 -10.48 -5.80
C ARG A 131 -13.65 -10.11 -5.94
N ASN A 132 -14.04 -8.88 -5.56
CA ASN A 132 -15.45 -8.55 -5.70
C ASN A 132 -15.84 -8.13 -7.11
N TRP A 133 -14.91 -7.67 -7.95
CA TRP A 133 -15.18 -7.36 -9.36
C TRP A 133 -15.72 -8.63 -10.01
N LEU A 134 -14.96 -9.69 -9.74
CA LEU A 134 -15.22 -11.02 -10.21
C LEU A 134 -16.50 -11.54 -9.60
N LYS A 135 -16.63 -11.50 -8.27
CA LYS A 135 -17.84 -11.98 -7.61
C LYS A 135 -19.11 -11.36 -8.18
N GLU A 136 -19.06 -10.14 -8.68
CA GLU A 136 -20.23 -9.49 -9.19
C GLU A 136 -20.43 -9.64 -10.69
N GLY A 137 -19.61 -10.49 -11.31
CA GLY A 137 -19.67 -10.80 -12.75
C GLY A 137 -19.48 -9.57 -13.62
N HIS A 138 -18.56 -8.71 -13.24
CA HIS A 138 -18.28 -7.56 -14.08
C HIS A 138 -17.34 -7.99 -15.20
N PRO A 139 -17.23 -7.24 -16.32
CA PRO A 139 -16.42 -7.58 -17.49
C PRO A 139 -14.94 -7.78 -17.23
N VAL A 140 -14.38 -8.88 -17.71
CA VAL A 140 -12.94 -9.12 -17.66
C VAL A 140 -12.51 -9.52 -19.07
N THR A 141 -11.25 -9.29 -19.45
CA THR A 141 -10.70 -9.66 -20.75
C THR A 141 -9.23 -10.00 -20.64
N SER A 142 -8.74 -10.73 -21.65
CA SER A 142 -7.31 -10.96 -21.77
C SER A 142 -6.75 -10.07 -22.87
N GLU A 143 -7.59 -9.23 -23.51
CA GLU A 143 -7.19 -8.31 -24.57
C GLU A 143 -6.00 -7.47 -24.12
N PRO A 144 -4.95 -7.26 -24.90
CA PRO A 144 -3.79 -6.50 -24.46
C PRO A 144 -4.15 -5.01 -24.32
N SER A 145 -3.77 -4.37 -23.23
CA SER A 145 -4.02 -2.94 -23.11
C SER A 145 -2.69 -2.34 -23.55
N ARG A 146 -2.69 -1.47 -24.56
CA ARG A 146 -1.49 -0.83 -25.07
C ARG A 146 -1.70 0.68 -25.05
N PRO A 147 -1.74 1.34 -23.88
CA PRO A 147 -1.92 2.78 -23.76
C PRO A 147 -0.89 3.62 -24.52
N GLU A 148 -1.31 4.79 -25.04
CA GLU A 148 -0.35 5.73 -25.61
C GLU A 148 0.58 6.14 -24.44
N PRO A 149 1.91 6.21 -24.52
CA PRO A 149 2.72 6.81 -23.47
C PRO A 149 2.35 8.26 -23.24
N ALA A 150 2.49 8.62 -21.97
CA ALA A 150 2.22 9.94 -21.49
C ALA A 150 3.48 10.38 -20.75
N ILE A 151 3.55 11.67 -20.43
CA ILE A 151 4.68 12.22 -19.71
C ILE A 151 4.08 12.44 -18.32
N PHE A 152 4.82 12.10 -17.26
CA PHE A 152 4.35 12.23 -15.89
C PHE A 152 5.48 12.90 -15.13
N LYS A 153 5.16 13.84 -14.25
CA LYS A 153 6.18 14.56 -13.50
C LYS A 153 5.97 14.04 -12.09
N ALA A 154 6.98 13.48 -11.47
CA ALA A 154 6.83 12.94 -10.13
C ALA A 154 7.61 13.83 -9.18
N THR A 155 7.03 14.25 -8.05
CA THR A 155 7.75 15.06 -7.06
C THR A 155 7.54 14.39 -5.71
N LEU A 156 8.63 13.96 -5.10
CA LEU A 156 8.59 13.25 -3.84
C LEU A 156 8.07 14.14 -2.73
N ASN A 157 7.03 13.69 -2.07
CA ASN A 157 6.45 14.34 -0.91
C ASN A 157 7.03 13.67 0.33
N ARG A 158 8.15 14.24 0.76
CA ARG A 158 8.92 13.76 1.91
C ARG A 158 8.16 13.53 3.22
N SER A 159 7.09 14.24 3.55
CA SER A 159 6.41 14.00 4.82
C SER A 159 5.59 12.72 4.88
N LEU A 160 5.34 12.10 3.74
CA LEU A 160 4.61 10.85 3.67
C LEU A 160 5.56 9.66 3.74
N LEU A 161 6.84 9.92 4.00
CA LEU A 161 7.88 8.92 3.98
C LEU A 161 8.74 9.04 5.21
N LYS A 162 9.14 7.92 5.82
CA LYS A 162 10.09 7.99 6.91
C LYS A 162 11.23 7.01 6.64
N THR A 163 12.45 7.43 7.00
CA THR A 163 13.65 6.65 6.83
C THR A 163 14.04 6.11 8.20
N TYR A 164 15.06 5.25 8.14
CA TYR A 164 15.69 4.67 9.30
C TYR A 164 16.07 5.70 10.37
N GLU A 165 16.85 6.69 9.97
CA GLU A 165 17.34 7.72 10.88
C GLU A 165 16.21 8.45 11.58
N GLN A 166 15.10 8.64 10.84
CA GLN A 166 13.96 9.32 11.41
C GLN A 166 13.20 8.45 12.40
N VAL A 167 13.06 7.16 12.12
CA VAL A 167 12.37 6.30 13.09
C VAL A 167 13.28 6.15 14.31
N LEU A 168 14.61 6.08 14.11
CA LEU A 168 15.57 5.97 15.22
C LEU A 168 15.44 7.21 16.10
N GLU A 169 15.48 8.43 15.55
CA GLU A 169 15.26 9.63 16.36
C GLU A 169 13.95 9.55 17.12
N ASN A 170 12.89 9.05 16.49
CA ASN A 170 11.58 8.94 17.12
C ASN A 170 11.60 8.03 18.33
N LEU A 171 12.51 7.06 18.43
CA LEU A 171 12.64 6.23 19.62
C LEU A 171 12.93 7.06 20.85
N GLU A 172 13.67 8.13 20.59
CA GLU A 172 13.99 9.06 21.63
C GLU A 172 12.96 10.17 21.72
N SER A 173 12.45 10.75 20.64
CA SER A 173 11.59 11.89 20.79
C SER A 173 10.18 11.51 21.15
N LYS A 174 9.78 10.32 20.67
CA LYS A 174 8.45 9.77 20.82
C LYS A 174 7.42 10.70 20.23
N ARG A 175 7.77 11.57 19.26
CA ARG A 175 6.75 12.47 18.75
C ARG A 175 5.79 11.82 17.76
N PHE A 176 6.05 10.58 17.30
CA PHE A 176 5.15 9.94 16.35
C PHE A 176 4.71 8.65 17.02
N GLN A 177 3.46 8.24 16.86
CA GLN A 177 3.01 6.94 17.31
C GLN A 177 3.49 6.03 16.18
N LEU A 178 4.05 4.87 16.49
CA LEU A 178 4.51 3.97 15.46
C LEU A 178 3.54 2.81 15.49
N VAL A 179 2.87 2.56 14.39
CA VAL A 179 1.89 1.50 14.38
C VAL A 179 2.36 0.46 13.38
N ASP A 180 2.42 -0.77 13.85
CA ASP A 180 2.90 -1.87 13.03
C ASP A 180 1.72 -2.64 12.47
N SER A 181 1.63 -2.84 11.17
CA SER A 181 0.47 -3.54 10.62
C SER A 181 0.64 -5.04 10.46
N ARG A 182 1.80 -5.60 10.83
CA ARG A 182 2.02 -7.04 10.67
C ARG A 182 1.10 -7.84 11.58
N ALA A 183 0.85 -9.10 11.20
CA ALA A 183 0.06 -9.99 12.02
C ALA A 183 0.66 -10.06 13.43
N GLN A 184 -0.22 -10.31 14.39
CA GLN A 184 0.17 -10.24 15.79
C GLN A 184 1.32 -11.15 16.16
N GLY A 185 1.43 -12.37 15.65
CA GLY A 185 2.51 -13.25 16.03
C GLY A 185 3.86 -12.71 15.59
N ARG A 186 3.90 -12.10 14.39
CA ARG A 186 5.16 -11.58 13.86
C ARG A 186 5.57 -10.34 14.65
N TYR A 187 4.56 -9.58 15.08
CA TYR A 187 4.82 -8.40 15.88
C TYR A 187 5.35 -8.84 17.25
N LEU A 188 4.71 -9.82 17.86
CA LEU A 188 5.10 -10.26 19.18
C LEU A 188 6.39 -11.04 19.16
N GLY A 189 6.78 -11.64 18.05
CA GLY A 189 8.03 -12.38 17.95
C GLY A 189 7.82 -13.86 18.20
N THR A 190 6.57 -14.30 18.20
CA THR A 190 6.23 -15.69 18.40
C THR A 190 6.13 -16.40 17.07
N GLN A 191 5.82 -15.69 15.97
CA GLN A 191 5.77 -16.29 14.64
C GLN A 191 6.99 -15.77 13.91
N PRO A 192 7.67 -16.57 13.07
CA PRO A 192 8.85 -16.14 12.33
C PRO A 192 8.55 -15.17 11.19
N GLU A 193 9.57 -14.44 10.76
CA GLU A 193 9.39 -13.58 9.61
C GLU A 193 9.61 -14.45 8.39
N PRO A 194 8.74 -14.49 7.39
CA PRO A 194 8.90 -15.33 6.21
C PRO A 194 9.91 -14.77 5.20
N ASP A 195 10.32 -15.64 4.28
CA ASP A 195 11.08 -15.25 3.11
C ASP A 195 12.34 -14.39 3.33
N ALA A 196 13.18 -14.70 4.30
CA ALA A 196 14.39 -13.95 4.56
C ALA A 196 15.43 -14.82 5.26
N VAL A 197 16.72 -14.51 5.24
CA VAL A 197 17.69 -15.33 5.96
C VAL A 197 18.13 -14.59 7.19
N GLY A 198 17.94 -15.26 8.32
CA GLY A 198 18.36 -14.78 9.61
C GLY A 198 17.61 -13.55 10.08
N LEU A 199 16.34 -13.37 9.73
CA LEU A 199 15.56 -12.21 10.15
C LEU A 199 14.67 -12.64 11.33
N ASP A 200 14.86 -12.08 12.52
CA ASP A 200 14.01 -12.43 13.66
C ASP A 200 12.73 -11.62 13.55
N SER A 201 11.69 -12.02 14.27
CA SER A 201 10.51 -11.21 14.33
C SER A 201 10.60 -10.43 15.65
N GLY A 202 9.54 -9.73 15.95
CA GLY A 202 9.51 -8.86 17.10
C GLY A 202 9.15 -7.50 16.54
N HIS A 203 9.28 -6.48 17.35
CA HIS A 203 8.87 -5.18 16.91
C HIS A 203 9.76 -4.12 17.52
N ILE A 204 9.75 -2.99 16.84
CA ILE A 204 10.46 -1.83 17.31
C ILE A 204 9.84 -1.43 18.64
N ARG A 205 10.72 -1.06 19.55
CA ARG A 205 10.31 -0.71 20.88
C ARG A 205 9.34 0.44 20.78
N GLY A 206 8.20 0.34 21.46
CA GLY A 206 7.21 1.40 21.47
C GLY A 206 6.16 1.29 20.37
N SER A 207 6.26 0.34 19.45
CA SER A 207 5.21 0.13 18.45
C SER A 207 3.88 -0.29 19.04
N VAL A 208 2.76 0.00 18.40
CA VAL A 208 1.45 -0.51 18.78
C VAL A 208 1.17 -1.47 17.62
N ASN A 209 0.42 -2.54 17.80
CA ASN A 209 0.17 -3.44 16.71
C ASN A 209 -1.24 -3.32 16.17
N MET A 210 -1.44 -3.03 14.89
CA MET A 210 -2.77 -3.04 14.32
C MET A 210 -2.70 -3.87 13.04
N PRO A 211 -2.92 -5.19 13.13
CA PRO A 211 -2.83 -6.10 11.99
C PRO A 211 -3.72 -5.59 10.88
N PHE A 212 -3.16 -5.40 9.70
CA PHE A 212 -3.87 -4.81 8.58
C PHE A 212 -5.17 -5.49 8.18
N MET A 213 -5.27 -6.78 8.45
CA MET A 213 -6.43 -7.55 7.98
C MET A 213 -7.68 -7.19 8.76
N ASN A 214 -7.50 -6.61 9.94
CA ASN A 214 -8.61 -6.20 10.76
C ASN A 214 -9.31 -5.00 10.14
N PHE A 215 -8.72 -4.31 9.16
CA PHE A 215 -9.38 -3.19 8.48
C PHE A 215 -10.35 -3.66 7.41
N LEU A 216 -10.38 -4.95 7.08
CA LEU A 216 -11.23 -5.42 6.00
C LEU A 216 -12.34 -6.28 6.57
N THR A 217 -13.53 -6.28 5.96
CA THR A 217 -14.62 -7.10 6.45
C THR A 217 -14.33 -8.51 5.91
N GLU A 218 -15.11 -9.51 6.31
CA GLU A 218 -14.93 -10.85 5.74
C GLU A 218 -15.11 -10.89 4.23
N ASP A 219 -15.97 -10.03 3.69
CA ASP A 219 -16.15 -9.94 2.25
C ASP A 219 -15.06 -9.25 1.46
N GLY A 220 -14.03 -8.64 2.06
CA GLY A 220 -12.98 -8.02 1.28
C GLY A 220 -13.13 -6.52 1.10
N PHE A 221 -14.15 -5.95 1.76
CA PHE A 221 -14.41 -4.53 1.66
C PHE A 221 -13.77 -3.82 2.84
N GLU A 222 -13.49 -2.54 2.65
CA GLU A 222 -12.96 -1.73 3.72
C GLU A 222 -14.04 -1.60 4.81
N LYS A 223 -13.71 -1.68 6.09
CA LYS A 223 -14.72 -1.40 7.11
C LYS A 223 -15.15 0.08 7.05
N SER A 224 -16.34 0.40 7.53
CA SER A 224 -16.81 1.75 7.50
C SER A 224 -15.94 2.67 8.37
N PRO A 225 -15.91 3.99 8.13
CA PRO A 225 -15.10 4.92 8.90
C PRO A 225 -15.36 4.83 10.40
N GLU A 226 -16.61 4.50 10.72
CA GLU A 226 -17.02 4.37 12.11
C GLU A 226 -16.31 3.22 12.78
N GLU A 227 -16.25 2.09 12.10
CA GLU A 227 -15.62 0.91 12.66
C GLU A 227 -14.12 1.17 12.74
N LEU A 228 -13.55 1.83 11.70
CA LEU A 228 -12.12 2.12 11.65
C LEU A 228 -11.71 2.99 12.84
N ARG A 229 -12.47 4.06 13.03
CA ARG A 229 -12.27 5.02 14.08
C ARG A 229 -12.29 4.30 15.42
N ALA A 230 -13.26 3.41 15.62
CA ALA A 230 -13.34 2.66 16.85
C ALA A 230 -12.12 1.77 17.06
N MET A 231 -11.58 1.16 15.98
CA MET A 231 -10.39 0.31 16.08
C MET A 231 -9.19 1.12 16.50
N PHE A 232 -8.98 2.29 15.90
CA PHE A 232 -7.83 3.10 16.33
C PHE A 232 -7.93 3.46 17.81
N GLU A 233 -9.16 3.76 18.25
CA GLU A 233 -9.41 4.13 19.63
C GLU A 233 -9.13 3.00 20.61
N ALA A 234 -9.65 1.80 20.33
CA ALA A 234 -9.41 0.63 21.15
C ALA A 234 -7.93 0.27 21.27
N LYS A 235 -7.12 0.64 20.26
CA LYS A 235 -5.69 0.39 20.30
C LYS A 235 -4.91 1.56 20.89
N LYS A 236 -5.57 2.57 21.48
CA LYS A 236 -4.97 3.78 22.02
C LYS A 236 -4.28 4.62 20.95
N VAL A 237 -4.58 4.43 19.67
CA VAL A 237 -3.94 5.23 18.65
C VAL A 237 -4.84 6.43 18.46
N ASP A 238 -4.23 7.57 18.72
CA ASP A 238 -4.87 8.82 18.58
C ASP A 238 -4.67 9.37 17.17
N LEU A 239 -5.76 9.57 16.42
CA LEU A 239 -5.63 10.07 15.06
C LEU A 239 -5.32 11.56 14.95
N THR A 240 -5.22 12.25 16.07
CA THR A 240 -4.87 13.64 15.96
C THR A 240 -3.37 13.80 16.16
N LYS A 241 -2.69 12.72 16.55
CA LYS A 241 -1.27 12.81 16.80
C LYS A 241 -0.53 12.26 15.59
N PRO A 242 0.74 12.65 15.34
CA PRO A 242 1.62 12.07 14.32
C PRO A 242 1.61 10.54 14.37
N LEU A 243 1.67 9.88 13.22
CA LEU A 243 1.65 8.43 13.14
C LEU A 243 2.53 7.95 11.99
N ILE A 244 3.37 7.00 12.29
CA ILE A 244 4.21 6.40 11.28
C ILE A 244 3.73 4.96 11.24
N ALA A 245 3.49 4.42 10.05
CA ALA A 245 3.03 3.05 9.94
C ALA A 245 4.24 2.28 9.43
N THR A 246 4.41 1.10 9.97
CA THR A 246 5.54 0.29 9.63
C THR A 246 5.00 -1.12 9.56
N CSS A 247 5.79 -2.01 8.98
CA CSS A 247 5.41 -3.40 8.90
CB CSS A 247 4.28 -3.50 7.90
SG CSS A 247 4.71 -3.02 6.20
SD CSS A 247 4.74 -4.63 5.00
C CSS A 247 6.64 -4.14 8.49
O CSS A 247 7.70 -3.81 9.00
N ARG A 248 6.56 -5.13 7.58
CA ARG A 248 7.74 -5.84 7.10
C ARG A 248 8.56 -5.06 6.09
N LYS A 249 7.91 -4.58 5.02
CA LYS A 249 8.61 -3.94 3.90
C LYS A 249 7.94 -2.70 3.33
N GLY A 250 7.13 -1.99 4.13
CA GLY A 250 6.50 -0.77 3.66
C GLY A 250 5.24 -1.04 2.86
N VAL A 251 4.75 -2.29 2.78
CA VAL A 251 3.55 -2.49 1.99
C VAL A 251 2.24 -2.55 2.76
N THR A 252 2.01 -3.45 3.73
CA THR A 252 0.72 -3.47 4.44
C THR A 252 0.56 -2.28 5.37
N ALA A 253 1.69 -1.62 5.69
CA ALA A 253 1.71 -0.41 6.49
C ALA A 253 0.81 0.64 5.82
N CYS A 254 0.72 0.58 4.48
CA CYS A 254 -0.11 1.50 3.72
C CYS A 254 -1.59 1.30 4.02
N HIS A 255 -2.01 0.12 4.53
CA HIS A 255 -3.40 -0.06 4.93
C HIS A 255 -3.71 0.82 6.13
N ILE A 256 -2.73 1.08 6.99
CA ILE A 256 -2.97 1.94 8.14
C ILE A 256 -3.15 3.36 7.60
N ALA A 257 -2.35 3.74 6.61
CA ALA A 257 -2.49 5.07 6.00
C ALA A 257 -3.85 5.23 5.29
N LEU A 258 -4.34 4.23 4.57
CA LEU A 258 -5.60 4.27 3.85
C LEU A 258 -6.71 4.37 4.88
N ALA A 259 -6.73 3.54 5.91
CA ALA A 259 -7.79 3.56 6.90
C ALA A 259 -7.79 4.90 7.60
N ALA A 260 -6.61 5.42 7.97
CA ALA A 260 -6.53 6.70 8.65
C ALA A 260 -7.04 7.81 7.73
N TYR A 261 -6.72 7.72 6.43
CA TYR A 261 -7.14 8.67 5.41
C TYR A 261 -8.67 8.67 5.33
N LEU A 262 -9.31 7.49 5.34
CA LEU A 262 -10.76 7.42 5.34
C LEU A 262 -11.34 7.97 6.62
N CYS A 263 -10.56 8.06 7.70
CA CYS A 263 -11.04 8.68 8.92
C CYS A 263 -10.70 10.16 8.95
N GLY A 264 -10.24 10.76 7.86
CA GLY A 264 -9.90 12.17 7.85
C GLY A 264 -8.44 12.44 8.16
N LYS A 265 -7.54 11.47 8.33
CA LYS A 265 -6.15 11.78 8.61
C LYS A 265 -5.31 11.47 7.37
N PRO A 266 -4.88 12.45 6.56
CA PRO A 266 -4.19 12.23 5.29
C PRO A 266 -2.68 12.05 5.41
N ASP A 267 -2.12 12.24 6.59
CA ASP A 267 -0.69 12.34 6.70
C ASP A 267 0.05 11.24 7.47
N VAL A 268 -0.43 10.00 7.41
CA VAL A 268 0.31 8.90 8.02
C VAL A 268 1.53 8.71 7.12
N ALA A 269 2.71 8.70 7.70
CA ALA A 269 3.93 8.49 6.92
C ALA A 269 4.27 7.01 6.93
N ILE A 270 4.84 6.50 5.84
CA ILE A 270 5.22 5.09 5.81
C ILE A 270 6.72 4.93 6.03
N TYR A 271 7.10 4.11 7.00
CA TYR A 271 8.49 3.77 7.15
C TYR A 271 8.72 2.72 6.07
N ASP A 272 9.23 3.17 4.91
CA ASP A 272 9.44 2.29 3.77
C ASP A 272 10.44 1.17 4.04
N GLY A 273 11.56 1.40 4.73
CA GLY A 273 12.48 0.31 5.05
C GLY A 273 11.82 -0.74 5.93
N SER A 274 10.94 -0.28 6.85
CA SER A 274 10.21 -1.14 7.76
C SER A 274 11.07 -2.13 8.56
N TRP A 275 10.49 -3.23 9.03
CA TRP A 275 11.20 -4.16 9.88
C TRP A 275 12.41 -4.76 9.18
N PHE A 276 12.27 -5.04 7.88
CA PHE A 276 13.38 -5.61 7.14
C PHE A 276 14.59 -4.69 7.23
N GLU A 277 14.47 -3.39 7.03
CA GLU A 277 15.65 -2.59 7.16
C GLU A 277 15.99 -2.40 8.62
N TRP A 278 15.00 -2.26 9.50
CA TRP A 278 15.29 -1.97 10.90
C TRP A 278 16.14 -3.05 11.53
N PHE A 279 15.74 -4.30 11.40
CA PHE A 279 16.49 -5.40 11.93
C PHE A 279 17.95 -5.37 11.45
N HIS A 280 18.12 -5.02 10.18
CA HIS A 280 19.44 -5.02 9.60
C HIS A 280 20.30 -3.84 9.95
N ARG A 281 19.74 -2.72 10.39
CA ARG A 281 20.57 -1.58 10.69
C ARG A 281 20.58 -1.17 12.15
N ALA A 282 19.50 -1.43 12.86
CA ALA A 282 19.34 -0.93 14.21
C ALA A 282 20.11 -1.72 15.24
N PRO A 283 20.58 -1.12 16.35
CA PRO A 283 21.03 -1.83 17.54
C PRO A 283 19.95 -2.81 18.03
N PRO A 284 20.25 -4.04 18.47
CA PRO A 284 19.28 -5.00 19.01
C PRO A 284 18.43 -4.46 20.16
N GLU A 285 19.03 -3.54 20.93
CA GLU A 285 18.39 -2.91 22.05
C GLU A 285 17.16 -2.10 21.64
N THR A 286 16.97 -1.78 20.36
CA THR A 286 15.83 -0.99 19.95
C THR A 286 14.57 -1.81 19.68
N TRP A 287 14.63 -3.13 19.76
CA TRP A 287 13.43 -3.88 19.48
C TRP A 287 13.25 -4.94 20.54
N VAL A 288 12.11 -5.63 20.51
CA VAL A 288 11.78 -6.62 21.51
C VAL A 288 11.06 -7.75 20.83
N SER A 289 11.29 -8.95 21.34
CA SER A 289 10.64 -10.14 20.84
C SER A 289 10.21 -10.86 22.11
N GLN A 290 9.01 -11.45 22.14
CA GLN A 290 8.57 -12.21 23.29
C GLN A 290 9.32 -13.52 23.32
N GLY A 291 9.81 -13.99 22.17
CA GLY A 291 10.74 -15.11 22.16
C GLY A 291 12.16 -14.57 22.40
N LYS A 292 12.31 -13.47 23.16
CA LYS A 292 13.53 -12.73 23.47
C LYS A 292 14.31 -12.11 22.31
N GLY A 293 15.08 -12.83 21.48
CA GLY A 293 15.82 -12.23 20.38
C GLY A 293 16.77 -13.22 19.71
O1 LPB B . 1.89 -14.09 8.77
O2 LPB B . 1.49 -12.69 7.23
C1 LPB B . 1.83 -13.81 7.59
C2 LPB B . 2.18 -14.90 6.59
C3 LPB B . 3.21 -14.58 5.52
C4 LPB B . 2.53 -13.83 4.40
C5 LPB B . 3.62 -12.99 3.76
C6 LPB B . 3.18 -11.59 3.40
C7 LPB B . 2.31 -10.94 4.49
C8 LPB B . 2.92 -9.75 5.22
S8 LPB B . 4.68 -9.55 4.84
S6 LPB B . 4.70 -10.64 3.16
#